data_5CYO
#
_entry.id   5CYO
#
_cell.length_a   57.497
_cell.length_b   78.049
_cell.length_c   77.443
_cell.angle_alpha   90.000
_cell.angle_beta   105.920
_cell.angle_gamma   90.000
#
_symmetry.space_group_name_H-M   'P 1 21 1'
#
loop_
_entity.id
_entity.type
_entity.pdbx_description
1 polymer Septin-9
2 non-polymer "GUANOSINE-5'-DIPHOSPHATE"
3 non-polymer 'MAGNESIUM ION'
4 water water
#
_entity_poly.entity_id   1
_entity_poly.type   'polypeptide(L)'
_entity_poly.pdbx_seq_one_letter_code
;QGFEFNIMVVGQSGLGKSTLINTLFKSKISRKSVQPTSEERIPKTIEIKSITHDIEEKGVRMKLTVIDTPGFGDHINNEN
CWQPIMKFINDQYEKYLQEEVNINRKKRIPDTRVHCCLYFIPATGHSLRPLDIEFMKRLSKVVNIVPVIAKADTLTLEER
VHFKQRITADLLSNGIDVYPQKEFDEDSEDRLVNEKFREMIPFAVVGSDHEYQVNGKRILGRKTKWGTIEVENTTHCEFA
YLRDLLIRTHMQNIKDITSSIHFEAYRVKRLNEG
;
_entity_poly.pdbx_strand_id   A,B
#
loop_
_chem_comp.id
_chem_comp.type
_chem_comp.name
_chem_comp.formula
GDP RNA linking GUANOSINE-5'-DIPHOSPHATE 'C10 H15 N5 O11 P2'
MG non-polymer 'MAGNESIUM ION' 'Mg 2'
#
# COMPACT_ATOMS: atom_id res chain seq x y z
N GLN A 1 -6.06 -8.91 34.25
CA GLN A 1 -6.32 -7.54 34.69
C GLN A 1 -5.23 -7.04 35.63
N GLY A 2 -4.17 -7.84 35.79
CA GLY A 2 -3.04 -7.45 36.61
C GLY A 2 -1.86 -7.07 35.73
N PHE A 3 -1.32 -8.05 35.02
CA PHE A 3 -0.21 -7.82 34.10
C PHE A 3 -0.67 -7.01 32.89
N GLU A 4 -0.01 -5.88 32.62
CA GLU A 4 -0.39 -4.99 31.53
C GLU A 4 0.57 -5.11 30.36
N PHE A 5 0.04 -5.07 29.14
CA PHE A 5 0.90 -5.06 27.97
C PHE A 5 0.30 -4.16 26.89
N ASN A 6 1.11 -3.23 26.39
CA ASN A 6 0.64 -2.22 25.43
C ASN A 6 1.34 -2.36 24.10
N ILE A 7 0.55 -2.61 23.06
CA ILE A 7 1.06 -2.71 21.69
C ILE A 7 0.53 -1.56 20.88
N MET A 8 1.39 -0.97 20.05
CA MET A 8 0.93 0.05 19.13
C MET A 8 1.10 -0.43 17.69
N VAL A 9 0.08 -0.23 16.87
CA VAL A 9 0.24 -0.53 15.44
C VAL A 9 0.57 0.78 14.76
N VAL A 10 1.50 0.72 13.82
CA VAL A 10 2.02 1.90 13.15
C VAL A 10 2.21 1.58 11.67
N GLY A 11 1.88 2.54 10.81
CA GLY A 11 2.07 2.34 9.38
C GLY A 11 1.12 3.24 8.61
N GLN A 12 1.29 3.26 7.31
CA GLN A 12 0.43 4.03 6.43
C GLN A 12 -1.00 3.49 6.51
N SER A 13 -1.98 4.33 6.22
CA SER A 13 -3.39 3.95 6.18
C SER A 13 -3.63 2.92 5.09
N GLY A 14 -4.68 2.13 5.27
CA GLY A 14 -5.07 1.17 4.26
C GLY A 14 -4.17 -0.05 4.21
N LEU A 15 -3.48 -0.33 5.31
CA LEU A 15 -2.62 -1.51 5.36
C LEU A 15 -3.23 -2.63 6.21
N GLY A 16 -4.46 -2.42 6.67
CA GLY A 16 -5.15 -3.43 7.46
C GLY A 16 -4.78 -3.39 8.94
N LYS A 17 -4.29 -2.25 9.41
CA LYS A 17 -3.86 -2.12 10.80
C LYS A 17 -5.03 -2.25 11.78
N SER A 18 -6.09 -1.50 11.55
CA SER A 18 -7.23 -1.54 12.45
C SER A 18 -7.89 -2.91 12.41
N THR A 19 -7.89 -3.52 11.22
CA THR A 19 -8.41 -4.87 11.06
C THR A 19 -7.61 -5.89 11.87
N LEU A 20 -6.30 -5.80 11.83
CA LEU A 20 -5.44 -6.75 12.52
C LEU A 20 -5.58 -6.64 14.04
N ILE A 21 -5.88 -5.42 14.52
CA ILE A 21 -6.15 -5.23 15.94
C ILE A 21 -7.31 -6.13 16.38
N ASN A 22 -8.40 -6.05 15.63
CA ASN A 22 -9.58 -6.86 15.90
CA ASN A 22 -9.57 -6.86 15.93
C ASN A 22 -9.27 -8.35 15.79
N THR A 23 -8.41 -8.70 14.84
CA THR A 23 -8.01 -10.09 14.63
C THR A 23 -7.21 -10.59 15.84
N LEU A 24 -6.28 -9.77 16.32
CA LEU A 24 -5.41 -10.14 17.43
C LEU A 24 -6.20 -10.36 18.72
N PHE A 25 -7.15 -9.47 19.01
CA PHE A 25 -7.99 -9.62 20.19
C PHE A 25 -8.84 -10.88 20.09
N LYS A 26 -9.37 -11.16 18.92
CA LYS A 26 -10.18 -12.35 18.76
C LYS A 26 -9.33 -13.62 18.89
N SER A 27 -8.06 -13.54 18.49
CA SER A 27 -7.19 -14.70 18.54
C SER A 27 -6.80 -15.07 19.96
N LYS A 28 -7.02 -14.15 20.90
CA LYS A 28 -6.63 -14.39 22.29
C LYS A 28 -7.80 -14.30 23.25
N ILE A 29 -8.99 -14.02 22.71
CA ILE A 29 -10.21 -14.10 23.50
C ILE A 29 -11.09 -15.22 22.94
N SER A 30 -11.09 -16.36 23.62
CA SER A 30 -11.85 -17.53 23.17
C SER A 30 -13.34 -17.25 23.07
N ARG A 31 -13.97 -17.82 22.05
CA ARG A 31 -15.40 -17.70 21.87
C ARG A 31 -15.97 -18.98 21.28
N LYS A 32 -16.77 -19.70 22.08
CA LYS A 32 -17.46 -20.88 21.60
C LYS A 32 -18.77 -20.47 20.94
N SER A 33 -19.42 -21.41 20.28
CA SER A 33 -20.68 -21.16 19.58
C SER A 33 -20.55 -20.04 18.55
N GLN A 35 -21.04 -18.74 15.66
CA GLN A 35 -21.97 -18.58 14.55
C GLN A 35 -21.31 -17.81 13.42
N PRO A 36 -21.61 -18.19 12.17
CA PRO A 36 -21.05 -17.54 10.98
C PRO A 36 -21.39 -16.05 10.92
N THR A 37 -20.40 -15.20 11.17
CA THR A 37 -20.62 -13.75 11.18
C THR A 37 -19.51 -12.99 10.48
N SER A 38 -19.87 -11.92 9.77
CA SER A 38 -18.90 -11.04 9.15
C SER A 38 -18.61 -9.82 10.03
N GLU A 39 -17.47 -9.19 9.81
CA GLU A 39 -17.10 -8.01 10.55
C GLU A 39 -17.68 -6.75 9.90
N GLU A 40 -17.92 -5.72 10.71
CA GLU A 40 -18.41 -4.45 10.19
C GLU A 40 -17.26 -3.68 9.56
N ARG A 41 -17.56 -2.79 8.62
CA ARG A 41 -16.51 -2.00 7.99
C ARG A 41 -15.93 -1.02 9.01
N ILE A 42 -14.60 -0.95 9.05
CA ILE A 42 -13.89 -0.05 9.96
C ILE A 42 -13.58 1.30 9.32
N PRO A 43 -13.96 2.39 9.99
CA PRO A 43 -13.65 3.71 9.45
C PRO A 43 -12.14 3.94 9.41
N LYS A 44 -11.70 4.85 8.54
CA LYS A 44 -10.30 5.26 8.54
C LYS A 44 -9.94 5.84 9.90
N THR A 45 -8.80 5.45 10.42
CA THR A 45 -8.36 5.89 11.75
C THR A 45 -7.73 7.27 11.68
N ILE A 46 -8.34 8.26 12.33
CA ILE A 46 -7.85 9.63 12.24
C ILE A 46 -7.33 10.17 13.57
N GLU A 47 -7.46 9.36 14.62
CA GLU A 47 -6.97 9.74 15.94
C GLU A 47 -6.24 8.56 16.57
N ILE A 48 -5.27 8.86 17.43
CA ILE A 48 -4.67 7.82 18.24
C ILE A 48 -5.69 7.34 19.26
N LYS A 49 -6.01 6.05 19.25
CA LYS A 49 -6.94 5.52 20.24
C LYS A 49 -6.48 4.18 20.83
N SER A 50 -6.65 4.06 22.14
CA SER A 50 -6.28 2.86 22.87
C SER A 50 -7.46 1.91 23.03
N ILE A 51 -7.26 0.65 22.66
CA ILE A 51 -8.28 -0.37 22.86
C ILE A 51 -7.80 -1.39 23.86
N THR A 52 -8.55 -1.57 24.95
CA THR A 52 -8.12 -2.45 26.03
C THR A 52 -9.12 -3.57 26.27
N HIS A 53 -8.64 -4.80 26.28
CA HIS A 53 -9.47 -5.94 26.65
C HIS A 53 -8.69 -6.88 27.56
N ASP A 54 -9.40 -7.59 28.42
CA ASP A 54 -8.78 -8.58 29.27
C ASP A 54 -8.68 -9.90 28.52
N ILE A 55 -7.51 -10.52 28.57
CA ILE A 55 -7.30 -11.80 27.91
C ILE A 55 -6.73 -12.81 28.91
N GLU A 56 -7.03 -14.08 28.70
CA GLU A 56 -6.55 -15.12 29.59
C GLU A 56 -5.62 -16.08 28.87
N GLU A 57 -4.46 -16.33 29.47
CA GLU A 57 -3.55 -17.36 28.99
C GLU A 57 -3.50 -18.46 30.04
N LYS A 58 -3.65 -19.70 29.59
CA LYS A 58 -3.85 -20.84 30.48
C LYS A 58 -5.07 -20.59 31.36
N GLY A 59 -4.88 -19.83 32.44
CA GLY A 59 -5.98 -19.44 33.30
C GLY A 59 -5.73 -18.12 33.98
N VAL A 60 -4.62 -17.47 33.61
CA VAL A 60 -4.23 -16.21 34.21
C VAL A 60 -4.64 -15.02 33.35
N ARG A 61 -5.25 -14.02 33.97
CA ARG A 61 -5.78 -12.87 33.26
C ARG A 61 -4.74 -11.75 33.12
N MET A 62 -4.81 -11.05 32.01
CA MET A 62 -3.93 -9.91 31.74
C MET A 62 -4.64 -8.86 30.89
N LYS A 63 -4.22 -7.60 31.05
CA LYS A 63 -4.79 -6.47 30.32
C LYS A 63 -4.02 -6.10 29.06
N LEU A 64 -4.56 -6.48 27.90
CA LEU A 64 -3.91 -6.18 26.62
C LEU A 64 -4.48 -4.89 26.04
N THR A 65 -3.60 -3.90 25.88
CA THR A 65 -3.97 -2.65 25.25
C THR A 65 -3.31 -2.58 23.87
N VAL A 66 -4.12 -2.31 22.86
CA VAL A 66 -3.60 -2.11 21.51
C VAL A 66 -3.90 -0.68 21.07
N ILE A 67 -2.86 0.04 20.68
CA ILE A 67 -3.02 1.44 20.33
C ILE A 67 -3.11 1.62 18.81
N ASP A 68 -4.27 2.06 18.34
CA ASP A 68 -4.49 2.31 16.92
C ASP A 68 -4.01 3.72 16.59
N THR A 69 -3.48 3.90 15.38
CA THR A 69 -2.87 5.17 15.00
C THR A 69 -3.32 5.65 13.63
N PRO A 70 -3.32 6.97 13.42
CA PRO A 70 -3.59 7.50 12.07
C PRO A 70 -2.45 7.19 11.11
N GLY A 71 -2.77 7.23 9.82
CA GLY A 71 -1.81 6.97 8.77
C GLY A 71 -0.85 8.13 8.54
N PHE A 72 0.26 7.80 7.90
CA PHE A 72 1.22 8.78 7.41
C PHE A 72 1.62 8.43 5.97
N GLY A 73 2.27 9.35 5.28
CA GLY A 73 2.78 9.13 3.94
C GLY A 73 1.84 9.36 2.78
N ASP A 74 0.68 9.94 3.07
CA ASP A 74 -0.34 10.20 2.07
C ASP A 74 -0.11 11.54 1.35
N HIS A 75 0.81 12.35 1.87
CA HIS A 75 1.03 13.69 1.35
C HIS A 75 2.24 13.78 0.41
N ILE A 76 2.35 14.90 -0.28
CA ILE A 76 3.50 15.17 -1.13
C ILE A 76 4.78 15.24 -0.31
N ASN A 77 4.73 16.02 0.76
CA ASN A 77 5.84 16.14 1.70
C ASN A 77 5.45 15.54 3.04
N ASN A 78 6.12 14.45 3.41
CA ASN A 78 5.80 13.75 4.64
C ASN A 78 6.89 13.91 5.69
N GLU A 79 7.71 14.93 5.53
CA GLU A 79 8.73 15.26 6.52
C GLU A 79 8.05 15.46 7.87
N ASN A 80 8.64 14.90 8.93
CA ASN A 80 8.14 15.05 10.29
C ASN A 80 6.75 14.44 10.55
N CYS A 81 6.34 13.49 9.71
CA CYS A 81 5.03 12.86 9.88
C CYS A 81 5.03 11.84 11.02
N TRP A 82 6.21 11.60 11.59
CA TRP A 82 6.37 10.69 12.72
C TRP A 82 6.15 11.38 14.07
N GLN A 83 6.12 12.70 14.07
CA GLN A 83 6.08 13.47 15.32
C GLN A 83 4.88 13.15 16.24
N PRO A 84 3.66 13.03 15.68
CA PRO A 84 2.56 12.71 16.60
C PRO A 84 2.74 11.36 17.33
N ILE A 85 3.22 10.34 16.62
CA ILE A 85 3.43 9.04 17.26
C ILE A 85 4.62 9.08 18.22
N MET A 86 5.71 9.74 17.80
CA MET A 86 6.87 9.89 18.68
C MET A 86 6.51 10.66 19.93
N LYS A 87 5.67 11.67 19.77
CA LYS A 87 5.22 12.49 20.89
C LYS A 87 4.39 11.63 21.85
N PHE A 88 3.53 10.78 21.29
CA PHE A 88 2.71 9.92 22.12
C PHE A 88 3.57 8.97 22.95
N ILE A 89 4.56 8.35 22.29
CA ILE A 89 5.45 7.41 22.96
C ILE A 89 6.23 8.07 24.09
N ASN A 90 6.81 9.25 23.83
CA ASN A 90 7.56 9.94 24.85
C ASN A 90 6.66 10.47 25.95
N ASP A 91 5.40 10.78 25.62
CA ASP A 91 4.43 11.18 26.64
C ASP A 91 4.18 10.07 27.67
N GLN A 92 4.15 8.82 27.21
CA GLN A 92 3.91 7.70 28.11
C GLN A 92 5.13 7.49 29.01
N TYR A 93 6.32 7.66 28.45
CA TYR A 93 7.53 7.58 29.25
C TYR A 93 7.55 8.67 30.32
N GLU A 94 7.14 9.87 29.94
CA GLU A 94 7.13 10.99 30.86
C GLU A 94 6.11 10.78 31.99
N LYS A 95 4.95 10.21 31.64
CA LYS A 95 3.93 9.92 32.65
C LYS A 95 4.49 8.97 33.68
N TYR A 96 5.10 7.89 33.20
CA TYR A 96 5.63 6.85 34.07
C TYR A 96 6.75 7.38 34.93
N LEU A 97 7.65 8.14 34.32
CA LEU A 97 8.76 8.74 35.06
C LEU A 97 8.26 9.62 36.20
N GLN A 98 7.27 10.47 35.90
CA GLN A 98 6.72 11.36 36.93
C GLN A 98 6.03 10.59 38.05
N GLU A 99 5.33 9.53 37.70
CA GLU A 99 4.70 8.69 38.72
C GLU A 99 5.75 8.05 39.61
N GLU A 100 6.86 7.65 38.99
CA GLU A 100 7.92 6.95 39.69
C GLU A 100 8.74 7.84 40.63
N VAL A 101 8.93 9.10 40.24
CA VAL A 101 9.75 10.01 41.02
C VAL A 101 8.98 10.70 42.16
N ASN A 102 7.66 10.76 42.02
CA ASN A 102 6.81 11.39 43.05
C ASN A 102 7.14 10.91 44.45
N ILE A 103 7.05 11.82 45.40
CA ILE A 103 7.23 11.48 46.81
C ILE A 103 6.08 10.63 47.32
N ASN A 104 4.86 11.03 47.00
CA ASN A 104 3.67 10.26 47.35
C ASN A 104 3.14 9.50 46.15
N ARG A 105 3.95 8.58 45.64
CA ARG A 105 3.59 7.86 44.43
C ARG A 105 2.54 6.79 44.71
N LYS A 106 1.82 6.40 43.66
CA LYS A 106 0.80 5.36 43.77
C LYS A 106 1.43 4.01 44.11
N LYS A 107 0.69 3.19 44.85
CA LYS A 107 1.15 1.85 45.19
C LYS A 107 1.27 0.99 43.93
N ARG A 108 0.39 1.24 42.96
CA ARG A 108 0.47 0.56 41.68
C ARG A 108 0.49 1.59 40.56
N ILE A 109 1.67 1.80 39.99
CA ILE A 109 1.82 2.76 38.91
C ILE A 109 1.25 2.22 37.59
N PRO A 110 0.26 2.93 37.02
CA PRO A 110 -0.31 2.55 35.72
C PRO A 110 0.76 2.58 34.62
N ASP A 111 0.97 1.45 33.94
CA ASP A 111 1.97 1.39 32.88
C ASP A 111 1.30 1.57 31.52
N THR A 112 1.38 2.79 30.99
CA THR A 112 0.82 3.08 29.67
C THR A 112 1.92 3.19 28.62
N ARG A 113 3.13 2.78 28.99
CA ARG A 113 4.25 2.84 28.07
C ARG A 113 4.06 1.88 26.90
N VAL A 114 4.43 2.32 25.71
CA VAL A 114 4.35 1.47 24.54
C VAL A 114 5.47 0.44 24.62
N HIS A 115 5.10 -0.82 24.83
CA HIS A 115 6.06 -1.88 25.03
C HIS A 115 6.59 -2.38 23.71
N CYS A 116 5.72 -2.35 22.70
CA CYS A 116 6.10 -2.78 21.36
C CYS A 116 5.27 -2.08 20.28
N CYS A 117 5.91 -1.86 19.15
CA CYS A 117 5.22 -1.31 18.00
CA CYS A 117 5.24 -1.30 17.98
C CYS A 117 5.20 -2.32 16.85
N LEU A 118 4.02 -2.63 16.34
CA LEU A 118 3.89 -3.41 15.12
C LEU A 118 3.95 -2.45 13.95
N TYR A 119 5.04 -2.52 13.19
CA TYR A 119 5.19 -1.64 12.05
C TYR A 119 4.76 -2.34 10.76
N PHE A 120 3.73 -1.79 10.13
CA PHE A 120 3.15 -2.38 8.92
C PHE A 120 3.87 -1.92 7.65
N ILE A 121 4.40 -2.88 6.90
CA ILE A 121 5.09 -2.60 5.64
C ILE A 121 4.18 -2.95 4.47
N PRO A 122 3.96 -1.98 3.56
CA PRO A 122 3.16 -2.26 2.35
C PRO A 122 3.76 -3.41 1.56
N ALA A 123 2.92 -4.31 1.07
CA ALA A 123 3.39 -5.45 0.31
C ALA A 123 3.67 -5.04 -1.14
N THR A 124 4.73 -4.28 -1.35
CA THR A 124 5.08 -3.75 -2.67
C THR A 124 5.81 -4.77 -3.52
N GLY A 125 6.67 -5.57 -2.90
CA GLY A 125 7.44 -6.59 -3.60
C GLY A 125 8.86 -6.18 -3.93
N HIS A 126 9.18 -4.90 -3.71
CA HIS A 126 10.52 -4.42 -3.97
C HIS A 126 11.28 -4.38 -2.66
N SER A 127 11.65 -3.18 -2.23
CA SER A 127 12.38 -3.02 -1.00
C SER A 127 11.68 -2.00 -0.12
N LEU A 128 12.22 -1.81 1.08
CA LEU A 128 11.69 -0.83 2.02
C LEU A 128 11.74 0.58 1.45
N ARG A 129 10.66 1.31 1.62
CA ARG A 129 10.56 2.68 1.20
C ARG A 129 11.37 3.59 2.16
N PRO A 130 12.00 4.65 1.67
CA PRO A 130 12.74 5.59 2.53
C PRO A 130 11.92 6.09 3.73
N LEU A 131 10.62 6.37 3.53
CA LEU A 131 9.78 6.82 4.64
C LEU A 131 9.70 5.80 5.76
N ASP A 132 9.45 4.55 5.39
CA ASP A 132 9.33 3.47 6.35
C ASP A 132 10.67 3.17 6.99
N ILE A 133 11.75 3.30 6.22
CA ILE A 133 13.07 3.17 6.80
C ILE A 133 13.29 4.24 7.87
N GLU A 134 13.03 5.49 7.50
CA GLU A 134 13.21 6.62 8.42
C GLU A 134 12.33 6.49 9.68
N PHE A 135 11.08 6.10 9.49
CA PHE A 135 10.15 5.99 10.61
C PHE A 135 10.57 4.86 11.54
N MET A 136 10.89 3.69 10.97
CA MET A 136 11.32 2.55 11.79
C MET A 136 12.63 2.83 12.52
N LYS A 137 13.53 3.56 11.87
CA LYS A 137 14.79 3.90 12.50
C LYS A 137 14.54 4.76 13.75
N ARG A 138 13.71 5.78 13.60
CA ARG A 138 13.38 6.66 14.72
C ARG A 138 12.65 5.91 15.84
N LEU A 139 11.72 5.04 15.46
CA LEU A 139 10.98 4.24 16.43
C LEU A 139 11.90 3.30 17.21
N SER A 140 12.79 2.63 16.49
CA SER A 140 13.64 1.60 17.07
C SER A 140 14.56 2.15 18.16
N LYS A 141 14.74 3.47 18.17
CA LYS A 141 15.59 4.12 19.15
C LYS A 141 14.86 4.36 20.46
N VAL A 142 13.53 4.29 20.45
CA VAL A 142 12.76 4.59 21.65
C VAL A 142 11.80 3.46 22.07
N VAL A 143 11.61 2.48 21.21
CA VAL A 143 10.63 1.43 21.48
C VAL A 143 10.98 0.14 20.74
N ASN A 144 10.53 -1.00 21.26
CA ASN A 144 10.67 -2.28 20.56
C ASN A 144 9.83 -2.33 19.29
N ILE A 145 10.45 -2.76 18.20
CA ILE A 145 9.78 -2.80 16.90
C ILE A 145 9.66 -4.23 16.37
N VAL A 146 8.45 -4.63 15.99
CA VAL A 146 8.27 -5.87 15.26
C VAL A 146 7.60 -5.53 13.93
N PRO A 147 8.40 -5.53 12.84
CA PRO A 147 7.86 -5.27 11.50
C PRO A 147 7.00 -6.42 10.99
N VAL A 148 6.00 -6.06 10.20
CA VAL A 148 5.08 -7.02 9.61
CA VAL A 148 5.12 -7.07 9.58
C VAL A 148 4.84 -6.66 8.14
N ILE A 149 4.61 -7.66 7.29
CA ILE A 149 4.16 -7.38 5.92
C ILE A 149 2.65 -7.31 5.91
N ALA A 150 2.12 -6.12 5.66
CA ALA A 150 0.68 -5.88 5.63
C ALA A 150 0.02 -6.57 4.45
N LYS A 151 -1.20 -7.05 4.66
CA LYS A 151 -1.98 -7.68 3.60
C LYS A 151 -1.16 -8.70 2.81
N ALA A 152 -0.54 -9.62 3.53
CA ALA A 152 0.44 -10.53 2.95
C ALA A 152 -0.17 -11.47 1.91
N ASP A 153 -1.50 -11.54 1.89
CA ASP A 153 -2.20 -12.32 0.89
C ASP A 153 -1.96 -11.73 -0.51
N THR A 154 -1.44 -10.51 -0.55
CA THR A 154 -1.09 -9.85 -1.81
C THR A 154 0.06 -10.54 -2.52
N LEU A 155 0.86 -11.26 -1.74
CA LEU A 155 2.08 -11.86 -2.25
C LEU A 155 1.94 -13.36 -2.44
N THR A 156 2.50 -13.88 -3.52
CA THR A 156 2.69 -15.31 -3.65
C THR A 156 3.76 -15.71 -2.64
N LEU A 157 3.95 -17.01 -2.44
CA LEU A 157 4.95 -17.49 -1.50
C LEU A 157 6.34 -17.05 -1.93
N GLU A 158 6.65 -17.23 -3.21
CA GLU A 158 7.95 -16.86 -3.75
C GLU A 158 8.19 -15.36 -3.61
N GLU A 159 7.16 -14.57 -3.90
CA GLU A 159 7.26 -13.12 -3.75
C GLU A 159 7.52 -12.77 -2.29
N ARG A 160 6.84 -13.46 -1.39
CA ARG A 160 6.97 -13.21 0.05
C ARG A 160 8.40 -13.47 0.54
N VAL A 161 8.96 -14.61 0.13
CA VAL A 161 10.32 -14.99 0.53
C VAL A 161 11.33 -13.94 0.08
N HIS A 162 11.24 -13.55 -1.18
CA HIS A 162 12.16 -12.57 -1.77
C HIS A 162 11.97 -11.18 -1.16
N PHE A 163 10.72 -10.78 -0.93
CA PHE A 163 10.43 -9.49 -0.30
C PHE A 163 11.00 -9.43 1.11
N LYS A 164 10.86 -10.51 1.87
CA LYS A 164 11.43 -10.56 3.21
C LYS A 164 12.95 -10.38 3.22
N GLN A 165 13.62 -10.98 2.25
N GLN A 165 13.59 -10.94 2.21
CA GLN A 165 15.06 -10.87 2.13
CA GLN A 165 15.01 -10.87 2.10
C GLN A 165 15.47 -9.41 1.88
C GLN A 165 15.47 -9.44 1.84
N ARG A 166 14.76 -8.75 0.98
CA ARG A 166 15.03 -7.35 0.66
C ARG A 166 14.72 -6.42 1.85
N ILE A 167 13.63 -6.70 2.56
CA ILE A 167 13.30 -5.91 3.77
C ILE A 167 14.34 -6.09 4.88
N THR A 168 14.70 -7.34 5.14
CA THR A 168 15.71 -7.64 6.16
C THR A 168 17.05 -6.97 5.82
N ALA A 169 17.44 -7.01 4.55
CA ALA A 169 18.65 -6.35 4.12
C ALA A 169 18.60 -4.86 4.41
N ASP A 170 17.45 -4.23 4.14
CA ASP A 170 17.29 -2.81 4.41
C ASP A 170 17.33 -2.50 5.90
N LEU A 171 16.68 -3.31 6.71
CA LEU A 171 16.69 -3.11 8.15
C LEU A 171 18.11 -3.19 8.71
N LEU A 172 18.82 -4.24 8.30
CA LEU A 172 20.17 -4.50 8.78
C LEU A 172 21.17 -3.48 8.26
N SER A 173 21.07 -3.11 6.98
CA SER A 173 22.04 -2.18 6.42
C SER A 173 21.81 -0.77 6.99
N ASN A 174 20.59 -0.52 7.46
CA ASN A 174 20.27 0.78 8.08
C ASN A 174 20.35 0.77 9.60
N GLY A 175 20.87 -0.32 10.16
CA GLY A 175 21.03 -0.44 11.60
C GLY A 175 19.74 -0.36 12.40
N ILE A 176 18.66 -0.89 11.83
CA ILE A 176 17.39 -0.92 12.53
C ILE A 176 17.20 -2.24 13.26
N ASP A 177 17.36 -2.20 14.58
CA ASP A 177 17.20 -3.38 15.42
C ASP A 177 15.74 -3.68 15.67
N VAL A 178 15.32 -4.91 15.39
CA VAL A 178 13.94 -5.31 15.65
C VAL A 178 13.89 -6.36 16.77
N TYR A 179 12.77 -6.41 17.49
CA TYR A 179 12.62 -7.41 18.55
C TYR A 179 12.40 -8.77 17.90
N PRO A 180 13.03 -9.83 18.44
CA PRO A 180 13.95 -9.78 19.59
C PRO A 180 15.39 -9.49 19.18
N GLN A 181 15.98 -8.47 19.79
CA GLN A 181 17.35 -8.08 19.46
C GLN A 181 18.31 -9.17 19.93
N LYS A 182 19.25 -9.51 19.07
CA LYS A 182 20.17 -10.62 19.32
C LYS A 182 20.99 -10.43 20.60
N GLU A 183 21.32 -9.18 20.91
CA GLU A 183 22.16 -8.89 22.07
C GLU A 183 21.44 -9.11 23.40
N PHE A 184 20.12 -9.23 23.36
CA PHE A 184 19.34 -9.38 24.59
C PHE A 184 18.93 -10.82 24.86
N ASP A 185 19.46 -11.76 24.10
CA ASP A 185 19.23 -13.19 24.37
C ASP A 185 20.02 -13.56 25.62
N GLU A 186 19.33 -14.04 26.65
CA GLU A 186 19.98 -14.31 27.93
C GLU A 186 20.62 -15.70 28.04
N ASP A 187 20.04 -16.69 27.37
CA ASP A 187 20.61 -18.04 27.39
C ASP A 187 20.36 -18.82 26.10
N SER A 188 20.76 -20.09 26.08
CA SER A 188 20.64 -20.93 24.90
C SER A 188 19.19 -21.19 24.51
N GLU A 189 18.31 -21.43 25.48
CA GLU A 189 16.90 -21.61 25.19
C GLU A 189 16.30 -20.36 24.57
N ASP A 190 16.63 -19.20 25.14
CA ASP A 190 16.16 -17.93 24.60
C ASP A 190 16.63 -17.76 23.17
N ARG A 191 17.90 -18.06 22.94
CA ARG A 191 18.48 -17.98 21.60
C ARG A 191 17.78 -18.84 20.56
N LEU A 192 17.51 -20.10 20.88
CA LEU A 192 16.87 -20.98 19.92
C LEU A 192 15.48 -20.49 19.56
N VAL A 193 14.73 -20.05 20.57
CA VAL A 193 13.39 -19.52 20.34
C VAL A 193 13.46 -18.23 19.54
N ASN A 194 14.32 -17.31 19.97
CA ASN A 194 14.40 -16.02 19.32
C ASN A 194 14.96 -16.06 17.90
N GLU A 195 15.78 -17.06 17.60
CA GLU A 195 16.31 -17.22 16.25
C GLU A 195 15.17 -17.52 15.26
N LYS A 196 14.24 -18.37 15.68
CA LYS A 196 13.09 -18.72 14.84
C LYS A 196 12.22 -17.50 14.54
N PHE A 197 12.01 -16.65 15.55
CA PHE A 197 11.26 -15.42 15.35
C PHE A 197 12.00 -14.48 14.42
N ARG A 198 13.30 -14.35 14.65
CA ARG A 198 14.17 -13.46 13.89
C ARG A 198 14.19 -13.85 12.41
N GLU A 199 14.19 -15.15 12.15
CA GLU A 199 14.22 -15.67 10.80
C GLU A 199 12.90 -15.42 10.07
N MET A 200 11.84 -15.23 10.83
CA MET A 200 10.51 -15.08 10.24
C MET A 200 10.10 -13.62 10.10
N ILE A 201 10.69 -12.76 10.90
CA ILE A 201 10.40 -11.33 10.84
C ILE A 201 10.98 -10.76 9.55
N PRO A 202 10.19 -9.94 8.83
CA PRO A 202 8.83 -9.46 9.16
C PRO A 202 7.72 -10.47 8.87
N PHE A 203 6.80 -10.62 9.81
CA PHE A 203 5.72 -11.59 9.70
C PHE A 203 4.78 -11.26 8.56
N ALA A 204 4.45 -12.26 7.74
CA ALA A 204 3.46 -12.08 6.69
C ALA A 204 2.06 -12.24 7.29
N VAL A 205 1.38 -11.14 7.60
CA VAL A 205 0.09 -11.24 8.24
C VAL A 205 -1.10 -10.93 7.33
N VAL A 206 -2.23 -11.53 7.69
CA VAL A 206 -3.51 -11.30 7.04
C VAL A 206 -4.56 -11.02 8.11
N GLY A 207 -5.36 -9.98 7.92
CA GLY A 207 -6.40 -9.65 8.89
C GLY A 207 -7.71 -10.30 8.49
N SER A 208 -8.51 -10.70 9.48
CA SER A 208 -9.77 -11.38 9.21
C SER A 208 -10.96 -10.45 9.02
N ASP A 209 -11.88 -10.82 8.14
CA ASP A 209 -13.11 -10.06 7.96
C ASP A 209 -14.35 -10.89 8.30
N HIS A 210 -14.15 -12.13 8.75
CA HIS A 210 -15.26 -12.98 9.17
C HIS A 210 -14.80 -14.19 9.97
N GLU A 211 -15.68 -14.72 10.82
CA GLU A 211 -15.34 -15.90 11.59
C GLU A 211 -16.44 -16.95 11.48
N TYR A 212 -16.02 -18.21 11.56
CA TYR A 212 -16.97 -19.31 11.56
C TYR A 212 -16.36 -20.45 12.36
N GLN A 213 -17.01 -21.60 12.33
CA GLN A 213 -16.56 -22.75 13.09
C GLN A 213 -16.54 -24.02 12.25
N VAL A 214 -15.44 -24.75 12.30
CA VAL A 214 -15.33 -26.02 11.58
C VAL A 214 -14.85 -27.12 12.50
N ASN A 215 -15.63 -28.19 12.58
CA ASN A 215 -15.33 -29.31 13.46
C ASN A 215 -15.04 -28.86 14.90
N GLY A 216 -15.78 -27.85 15.35
CA GLY A 216 -15.65 -27.35 16.71
C GLY A 216 -14.60 -26.28 16.89
N LYS A 217 -13.83 -26.03 15.83
CA LYS A 217 -12.73 -25.07 15.92
C LYS A 217 -13.10 -23.73 15.27
N ARG A 218 -12.91 -22.65 16.02
CA ARG A 218 -13.18 -21.31 15.54
C ARG A 218 -12.16 -20.91 14.48
N ILE A 219 -12.65 -20.51 13.31
CA ILE A 219 -11.72 -20.06 12.28
C ILE A 219 -11.88 -18.56 12.03
N LEU A 220 -10.79 -17.82 12.22
CA LEU A 220 -10.72 -16.43 11.82
C LEU A 220 -10.29 -16.42 10.35
N GLY A 221 -11.09 -15.85 9.48
CA GLY A 221 -10.76 -15.92 8.07
C GLY A 221 -10.99 -14.66 7.28
N ARG A 222 -10.26 -14.57 6.17
CA ARG A 222 -10.49 -13.51 5.19
C ARG A 222 -11.00 -14.11 3.89
N LYS A 223 -12.12 -13.58 3.39
CA LYS A 223 -12.72 -14.05 2.14
C LYS A 223 -11.93 -13.65 0.90
N THR A 224 -11.83 -14.58 -0.05
CA THR A 224 -11.33 -14.30 -1.40
C THR A 224 -12.21 -15.06 -2.40
N LYS A 225 -12.07 -14.77 -3.69
CA LYS A 225 -12.84 -15.48 -4.69
C LYS A 225 -12.41 -16.94 -4.77
N GLY A 227 -10.94 -18.48 -2.43
CA GLY A 227 -11.13 -19.30 -1.25
C GLY A 227 -11.01 -18.50 0.03
N THR A 228 -11.16 -19.17 1.16
CA THR A 228 -11.05 -18.51 2.46
C THR A 228 -9.66 -18.68 3.06
N ILE A 229 -9.03 -17.56 3.37
CA ILE A 229 -7.73 -17.57 4.04
C ILE A 229 -7.93 -17.72 5.54
N GLU A 230 -7.39 -18.81 6.09
CA GLU A 230 -7.45 -19.03 7.54
C GLU A 230 -6.26 -18.33 8.18
N VAL A 231 -6.49 -17.16 8.75
CA VAL A 231 -5.39 -16.31 9.18
C VAL A 231 -4.55 -16.94 10.31
N GLU A 232 -5.09 -17.94 11.00
CA GLU A 232 -4.33 -18.62 12.05
C GLU A 232 -3.72 -19.93 11.55
N ASN A 233 -3.81 -20.17 10.25
CA ASN A 233 -3.22 -21.35 9.63
C ASN A 233 -1.82 -21.01 9.12
N THR A 234 -0.81 -21.70 9.65
CA THR A 234 0.59 -21.41 9.34
C THR A 234 0.95 -21.69 7.89
N THR A 235 0.12 -22.47 7.20
CA THR A 235 0.33 -22.74 5.79
C THR A 235 -0.31 -21.66 4.92
N HIS A 236 -1.14 -20.82 5.54
CA HIS A 236 -1.80 -19.74 4.82
C HIS A 236 -1.07 -18.41 5.00
N CYS A 237 -0.73 -18.08 6.24
CA CYS A 237 0.10 -16.91 6.52
C CYS A 237 0.81 -17.10 7.84
N GLU A 238 1.44 -16.05 8.34
CA GLU A 238 2.28 -16.15 9.53
C GLU A 238 1.71 -15.40 10.72
N PHE A 239 0.42 -15.06 10.68
CA PHE A 239 -0.21 -14.36 11.80
C PHE A 239 -0.12 -15.18 13.09
N ALA A 240 -0.26 -16.50 12.98
CA ALA A 240 -0.21 -17.38 14.15
C ALA A 240 1.12 -17.27 14.87
N TYR A 241 2.21 -17.09 14.11
CA TYR A 241 3.52 -16.92 14.71
C TYR A 241 3.58 -15.59 15.46
N LEU A 242 2.98 -14.55 14.88
CA LEU A 242 2.90 -13.26 15.54
C LEU A 242 2.07 -13.39 16.82
N ARG A 243 0.94 -14.07 16.70
CA ARG A 243 0.07 -14.34 17.83
C ARG A 243 0.87 -15.03 18.95
N ASP A 244 1.64 -16.04 18.57
CA ASP A 244 2.40 -16.84 19.52
C ASP A 244 3.58 -16.07 20.11
N LEU A 245 4.08 -15.07 19.38
CA LEU A 245 5.10 -14.21 19.94
C LEU A 245 4.50 -13.38 21.06
N LEU A 246 3.25 -12.98 20.88
CA LEU A 246 2.57 -12.09 21.81
C LEU A 246 1.91 -12.84 22.97
N ILE A 247 2.65 -13.77 23.58
CA ILE A 247 2.14 -14.53 24.72
C ILE A 247 2.82 -14.05 26.00
N ARG A 248 2.32 -14.52 27.15
CA ARG A 248 2.80 -14.14 28.48
C ARG A 248 4.32 -14.00 28.56
N THR A 249 5.02 -15.09 28.26
CA THR A 249 6.46 -15.15 28.49
C THR A 249 7.23 -14.15 27.61
N HIS A 250 6.86 -13.97 26.35
CA HIS A 250 7.66 -13.07 25.55
C HIS A 250 7.21 -11.65 25.79
N MET A 251 5.93 -11.47 26.15
CA MET A 251 5.41 -10.15 26.49
C MET A 251 6.25 -9.58 27.63
N GLN A 252 6.53 -10.44 28.61
CA GLN A 252 7.33 -10.05 29.77
C GLN A 252 8.75 -9.65 29.35
N ASN A 253 9.34 -10.41 28.44
CA ASN A 253 10.66 -10.07 27.94
CA ASN A 253 10.67 -10.08 27.93
C ASN A 253 10.66 -8.74 27.17
N ILE A 254 9.59 -8.50 26.42
CA ILE A 254 9.45 -7.26 25.67
C ILE A 254 9.33 -6.09 26.64
N LYS A 255 8.47 -6.22 27.64
CA LYS A 255 8.35 -5.23 28.70
C LYS A 255 9.67 -4.99 29.43
N ASP A 256 10.40 -6.08 29.68
CA ASP A 256 11.66 -6.00 30.40
C ASP A 256 12.66 -5.16 29.62
N ILE A 257 12.69 -5.31 28.30
CA ILE A 257 13.54 -4.50 27.44
C ILE A 257 13.03 -3.06 27.42
N THR A 258 11.72 -2.88 27.39
CA THR A 258 11.13 -1.55 27.43
C THR A 258 11.53 -0.79 28.69
N SER A 259 11.46 -1.46 29.83
CA SER A 259 11.79 -0.82 31.10
C SER A 259 13.30 -0.63 31.29
N SER A 260 14.07 -1.67 31.00
CA SER A 260 15.50 -1.66 31.32
C SER A 260 16.38 -1.02 30.24
N ILE A 261 15.90 -0.97 29.01
CA ILE A 261 16.70 -0.38 27.94
C ILE A 261 16.12 0.96 27.51
N HIS A 262 14.90 0.93 26.96
CA HIS A 262 14.32 2.13 26.35
C HIS A 262 13.92 3.18 27.38
N PHE A 263 13.22 2.77 28.43
CA PHE A 263 12.79 3.72 29.45
C PHE A 263 14.00 4.27 30.21
N GLU A 264 14.99 3.42 30.44
CA GLU A 264 16.22 3.85 31.10
C GLU A 264 16.96 4.87 30.23
N ALA A 265 16.97 4.64 28.92
CA ALA A 265 17.57 5.59 27.98
C ALA A 265 16.84 6.93 28.06
N TYR A 266 15.51 6.86 28.18
CA TYR A 266 14.69 8.07 28.31
C TYR A 266 15.07 8.85 29.57
N ARG A 267 15.29 8.14 30.68
CA ARG A 267 15.67 8.80 31.93
C ARG A 267 16.98 9.56 31.75
N VAL A 268 17.95 8.90 31.11
CA VAL A 268 19.25 9.51 30.83
C VAL A 268 19.06 10.77 29.98
N LYS A 269 18.15 10.69 29.01
CA LYS A 269 17.80 11.84 28.18
C LYS A 269 17.27 12.99 29.03
N ARG A 270 16.39 12.66 29.99
CA ARG A 270 15.77 13.66 30.85
C ARG A 270 16.78 14.28 31.81
N LEU A 271 17.90 13.58 32.01
CA LEU A 271 18.96 14.08 32.87
C LEU A 271 19.88 15.00 32.08
N ASN A 272 20.14 14.63 30.83
CA ASN A 272 20.99 15.42 29.96
C ASN A 272 20.33 16.72 29.54
N GLU A 273 19.02 16.82 29.76
CA GLU A 273 18.28 18.04 29.51
C GLU A 273 18.14 18.88 30.77
N GLY A 274 17.71 18.23 31.85
CA GLY A 274 17.53 18.91 33.12
C GLY A 274 16.71 18.09 34.11
N GLY B 2 0.67 1.30 -39.83
CA GLY B 2 1.53 1.77 -38.76
C GLY B 2 0.83 2.79 -37.87
N PHE B 3 -0.41 2.50 -37.49
CA PHE B 3 -1.17 3.37 -36.61
C PHE B 3 -0.55 3.38 -35.21
N GLU B 4 -0.30 4.57 -34.69
CA GLU B 4 0.42 4.71 -33.42
C GLU B 4 -0.52 5.01 -32.25
N PHE B 5 -0.29 4.35 -31.13
CA PHE B 5 -1.04 4.62 -29.90
C PHE B 5 -0.10 4.46 -28.70
N ASN B 6 -0.02 5.52 -27.89
CA ASN B 6 0.94 5.57 -26.79
C ASN B 6 0.28 5.63 -25.43
N ILE B 7 0.56 4.64 -24.60
CA ILE B 7 0.05 4.60 -23.24
C ILE B 7 1.19 4.77 -22.25
N MET B 8 0.95 5.55 -21.21
CA MET B 8 1.89 5.70 -20.12
C MET B 8 1.29 5.14 -18.82
N VAL B 9 2.08 4.40 -18.06
CA VAL B 9 1.63 4.00 -16.72
C VAL B 9 2.33 4.88 -15.68
N VAL B 10 1.57 5.29 -14.68
CA VAL B 10 2.05 6.23 -13.66
C VAL B 10 1.55 5.82 -12.27
N GLY B 11 2.40 5.98 -11.25
CA GLY B 11 2.01 5.67 -9.88
C GLY B 11 3.21 5.35 -9.02
N GLN B 12 2.98 5.14 -7.72
CA GLN B 12 4.07 4.69 -6.85
C GLN B 12 4.65 3.37 -7.32
N SER B 13 5.91 3.13 -6.96
CA SER B 13 6.55 1.85 -7.21
C SER B 13 5.85 0.75 -6.42
N GLY B 14 5.96 -0.48 -6.91
CA GLY B 14 5.42 -1.64 -6.22
C GLY B 14 3.91 -1.79 -6.33
N LEU B 15 3.34 -1.20 -7.36
CA LEU B 15 1.89 -1.30 -7.60
C LEU B 15 1.54 -2.21 -8.76
N GLY B 16 2.53 -2.85 -9.36
CA GLY B 16 2.30 -3.77 -10.47
C GLY B 16 2.20 -3.11 -11.83
N LYS B 17 2.77 -1.91 -11.96
CA LYS B 17 2.70 -1.15 -13.21
C LYS B 17 3.47 -1.84 -14.34
N SER B 18 4.71 -2.23 -14.08
CA SER B 18 5.53 -2.88 -15.09
C SER B 18 4.97 -4.24 -15.47
N THR B 19 4.37 -4.91 -14.49
CA THR B 19 3.73 -6.19 -14.74
C THR B 19 2.55 -6.03 -15.70
N LEU B 20 1.73 -5.01 -15.49
CA LEU B 20 0.55 -4.80 -16.31
C LEU B 20 0.93 -4.47 -17.76
N ILE B 21 2.06 -3.79 -17.94
CA ILE B 21 2.58 -3.52 -19.27
C ILE B 21 2.83 -4.82 -20.04
N ASN B 22 3.56 -5.74 -19.42
CA ASN B 22 3.84 -7.03 -20.05
CA ASN B 22 3.85 -7.01 -20.08
C ASN B 22 2.58 -7.83 -20.25
N THR B 23 1.62 -7.62 -19.36
CA THR B 23 0.33 -8.30 -19.45
C THR B 23 -0.42 -7.83 -20.69
N LEU B 24 -0.43 -6.51 -20.88
CA LEU B 24 -1.14 -5.89 -21.98
C LEU B 24 -0.57 -6.32 -23.34
N PHE B 25 0.76 -6.32 -23.46
CA PHE B 25 1.40 -6.77 -24.68
C PHE B 25 1.16 -8.26 -24.93
N LYS B 26 1.23 -9.07 -23.87
CA LYS B 26 1.02 -10.51 -24.02
C LYS B 26 -0.43 -10.85 -24.39
N SER B 27 -1.37 -10.00 -23.97
CA SER B 27 -2.78 -10.24 -24.28
C SER B 27 -3.06 -10.00 -25.76
N LYS B 28 -2.15 -9.31 -26.43
CA LYS B 28 -2.29 -8.98 -27.86
C LYS B 28 -1.11 -9.45 -28.70
N GLU B 40 10.52 -14.31 -15.39
CA GLU B 40 11.50 -13.76 -14.47
C GLU B 40 10.97 -12.51 -13.77
N ARG B 41 11.50 -12.24 -12.58
CA ARG B 41 11.07 -11.07 -11.81
C ARG B 41 11.48 -9.75 -12.47
N ILE B 42 10.57 -8.79 -12.47
CA ILE B 42 10.84 -7.49 -13.06
C ILE B 42 11.46 -6.58 -12.02
N PRO B 43 12.62 -6.01 -12.34
CA PRO B 43 13.30 -5.07 -11.44
C PRO B 43 12.50 -3.80 -11.24
N LYS B 44 12.76 -3.11 -10.13
CA LYS B 44 12.13 -1.83 -9.90
C LYS B 44 12.52 -0.87 -11.02
N THR B 45 11.53 -0.14 -11.53
CA THR B 45 11.72 0.76 -12.66
C THR B 45 12.32 2.08 -12.21
N ILE B 46 13.52 2.38 -12.68
CA ILE B 46 14.22 3.58 -12.23
C ILE B 46 14.38 4.60 -13.34
N GLU B 47 13.96 4.23 -14.55
CA GLU B 47 14.04 5.13 -15.69
C GLU B 47 12.75 5.07 -16.49
N ILE B 48 12.41 6.19 -17.13
CA ILE B 48 11.33 6.18 -18.10
C ILE B 48 11.82 5.41 -19.31
N LYS B 49 11.09 4.35 -19.67
CA LYS B 49 11.46 3.59 -20.86
C LYS B 49 10.23 3.28 -21.70
N SER B 50 10.39 3.42 -23.01
CA SER B 50 9.31 3.13 -23.95
C SER B 50 9.43 1.72 -24.50
N ILE B 51 8.35 0.96 -24.42
CA ILE B 51 8.33 -0.38 -24.98
C ILE B 51 7.32 -0.41 -26.12
N THR B 52 7.79 -0.74 -27.32
CA THR B 52 6.94 -0.70 -28.50
C THR B 52 6.85 -2.05 -29.20
N HIS B 53 5.62 -2.49 -29.47
CA HIS B 53 5.40 -3.68 -30.28
C HIS B 53 4.26 -3.46 -31.26
N ASP B 54 4.30 -4.13 -32.39
CA ASP B 54 3.22 -4.05 -33.37
C ASP B 54 2.14 -5.09 -33.06
N ILE B 55 0.89 -4.64 -33.04
CA ILE B 55 -0.24 -5.52 -32.78
C ILE B 55 -1.32 -5.33 -33.84
N GLU B 56 -2.09 -6.39 -34.10
CA GLU B 56 -3.15 -6.31 -35.10
C GLU B 56 -4.53 -6.53 -34.48
N ARG B 61 -3.57 -3.31 -38.14
CA ARG B 61 -2.25 -3.21 -37.51
C ARG B 61 -2.13 -1.93 -36.69
N MET B 62 -1.39 -1.99 -35.59
CA MET B 62 -1.17 -0.83 -34.74
C MET B 62 0.20 -0.86 -34.08
N LYS B 63 0.82 0.31 -33.94
CA LYS B 63 2.09 0.41 -33.25
C LYS B 63 1.81 0.85 -31.81
N LEU B 64 1.80 -0.12 -30.89
CA LEU B 64 1.49 0.16 -29.50
C LEU B 64 2.74 0.44 -28.69
N THR B 65 2.83 1.66 -28.16
CA THR B 65 3.92 2.00 -27.26
C THR B 65 3.38 2.17 -25.85
N VAL B 66 3.99 1.45 -24.90
CA VAL B 66 3.63 1.65 -23.50
C VAL B 66 4.86 2.18 -22.76
N ILE B 67 4.66 3.31 -22.10
CA ILE B 67 5.74 4.01 -21.43
C ILE B 67 5.75 3.69 -19.93
N ASP B 68 6.81 3.01 -19.48
CA ASP B 68 6.99 2.70 -18.07
C ASP B 68 7.68 3.87 -17.39
N THR B 69 7.36 4.09 -16.12
CA THR B 69 7.88 5.24 -15.38
C THR B 69 8.40 4.85 -14.00
N PRO B 70 9.37 5.60 -13.47
CA PRO B 70 9.79 5.40 -12.08
C PRO B 70 8.64 5.83 -11.17
N GLY B 71 8.64 5.35 -9.93
CA GLY B 71 7.52 5.67 -9.06
C GLY B 71 7.50 7.13 -8.68
N PHE B 72 6.32 7.62 -8.31
CA PHE B 72 6.22 8.95 -7.74
C PHE B 72 5.58 8.75 -6.40
N GLY B 73 5.93 9.59 -5.43
CA GLY B 73 5.41 9.42 -4.10
C GLY B 73 6.26 8.42 -3.33
N ASP B 74 7.42 8.08 -3.89
CA ASP B 74 8.28 7.07 -3.28
C ASP B 74 9.16 7.61 -2.17
N HIS B 75 9.31 8.93 -2.11
CA HIS B 75 10.21 9.55 -1.14
C HIS B 75 9.45 10.15 0.03
N ILE B 76 10.19 10.55 1.07
CA ILE B 76 9.60 11.26 2.19
C ILE B 76 9.05 12.59 1.71
N ASN B 77 9.89 13.34 0.99
CA ASN B 77 9.45 14.59 0.37
C ASN B 77 9.44 14.44 -1.15
N ASN B 78 8.23 14.51 -1.72
CA ASN B 78 8.05 14.31 -3.15
C ASN B 78 7.74 15.60 -3.90
N GLU B 79 8.07 16.73 -3.30
CA GLU B 79 7.91 18.02 -3.96
C GLU B 79 8.65 18.04 -5.28
N ASN B 80 7.97 18.52 -6.33
CA ASN B 80 8.54 18.68 -7.66
C ASN B 80 9.01 17.37 -8.31
N CYS B 81 8.60 16.23 -7.76
CA CYS B 81 8.97 14.93 -8.30
C CYS B 81 8.08 14.52 -9.48
N TRP B 82 7.11 15.36 -9.81
CA TRP B 82 6.24 15.12 -10.95
C TRP B 82 6.89 15.64 -12.21
N GLN B 83 7.93 16.46 -12.02
CA GLN B 83 8.56 17.17 -13.12
C GLN B 83 9.14 16.28 -14.23
N PRO B 84 9.85 15.19 -13.88
CA PRO B 84 10.39 14.37 -14.97
C PRO B 84 9.31 13.79 -15.88
N ILE B 85 8.21 13.33 -15.30
CA ILE B 85 7.12 12.78 -16.10
C ILE B 85 6.42 13.89 -16.88
N MET B 86 6.17 15.02 -16.22
CA MET B 86 5.56 16.17 -16.90
C MET B 86 6.44 16.65 -18.04
N LYS B 87 7.76 16.63 -17.81
CA LYS B 87 8.69 17.03 -18.85
C LYS B 87 8.59 16.09 -20.05
N PHE B 88 8.51 14.79 -19.78
CA PHE B 88 8.43 13.82 -20.86
C PHE B 88 7.18 14.06 -21.70
N ILE B 89 6.05 14.27 -21.04
CA ILE B 89 4.80 14.50 -21.74
C ILE B 89 4.88 15.75 -22.61
N ASN B 90 5.37 16.84 -22.04
CA ASN B 90 5.49 18.09 -22.77
C ASN B 90 6.56 18.04 -23.85
N ASP B 91 7.58 17.22 -23.63
CA ASP B 91 8.61 17.02 -24.65
C ASP B 91 8.01 16.43 -25.92
N GLN B 92 7.03 15.53 -25.76
CA GLN B 92 6.40 14.89 -26.91
C GLN B 92 5.52 15.89 -27.67
N TYR B 93 4.82 16.74 -26.94
CA TYR B 93 4.03 17.81 -27.55
C TYR B 93 4.95 18.75 -28.32
N GLU B 94 6.10 19.05 -27.71
CA GLU B 94 7.07 19.95 -28.33
C GLU B 94 7.64 19.35 -29.60
N LYS B 95 7.87 18.04 -29.59
CA LYS B 95 8.35 17.34 -30.77
C LYS B 95 7.35 17.48 -31.91
N TYR B 96 6.08 17.21 -31.59
CA TYR B 96 5.03 17.24 -32.60
C TYR B 96 4.87 18.64 -33.16
N LEU B 97 4.86 19.64 -32.28
CA LEU B 97 4.75 21.03 -32.65
C LEU B 97 5.86 21.45 -33.61
N GLN B 98 7.08 21.06 -33.29
CA GLN B 98 8.22 21.41 -34.12
C GLN B 98 8.10 20.78 -35.50
N GLU B 99 7.56 19.56 -35.54
CA GLU B 99 7.31 18.89 -36.82
C GLU B 99 6.33 19.70 -37.65
N GLU B 100 5.34 20.29 -37.00
CA GLU B 100 4.31 21.08 -37.69
C GLU B 100 4.86 22.41 -38.20
N VAL B 101 5.82 22.98 -37.49
CA VAL B 101 6.35 24.29 -37.84
C VAL B 101 7.42 24.18 -38.93
N ASN B 102 8.08 23.03 -38.98
CA ASN B 102 9.11 22.78 -39.98
C ASN B 102 8.66 23.08 -41.39
N ILE B 103 9.57 23.63 -42.18
CA ILE B 103 9.37 23.75 -43.62
C ILE B 103 9.56 22.33 -44.17
N ASN B 104 8.90 22.01 -45.28
CA ASN B 104 9.07 20.71 -45.93
C ASN B 104 8.80 19.57 -44.97
N ARG B 105 7.57 19.49 -44.51
CA ARG B 105 7.17 18.52 -43.50
C ARG B 105 7.03 17.12 -44.05
N LYS B 106 7.16 16.13 -43.16
CA LYS B 106 6.97 14.74 -43.52
C LYS B 106 5.51 14.52 -43.87
N LYS B 107 5.24 13.60 -44.80
CA LYS B 107 3.85 13.30 -45.14
C LYS B 107 3.15 12.67 -43.93
N ARG B 108 3.92 11.99 -43.09
CA ARG B 108 3.40 11.42 -41.85
C ARG B 108 4.26 11.82 -40.64
N ILE B 109 3.74 12.73 -39.83
CA ILE B 109 4.44 13.15 -38.62
C ILE B 109 4.40 12.06 -37.56
N PRO B 110 5.57 11.61 -37.08
CA PRO B 110 5.66 10.61 -36.03
C PRO B 110 4.96 11.08 -34.76
N ASP B 111 3.98 10.33 -34.30
CA ASP B 111 3.24 10.69 -33.11
C ASP B 111 3.75 9.95 -31.87
N THR B 112 4.54 10.64 -31.05
CA THR B 112 5.03 10.08 -29.80
C THR B 112 4.28 10.67 -28.61
N ARG B 113 3.22 11.43 -28.88
CA ARG B 113 2.44 12.05 -27.82
C ARG B 113 1.77 10.99 -26.96
N VAL B 114 1.74 11.25 -25.66
CA VAL B 114 1.07 10.34 -24.74
C VAL B 114 -0.44 10.51 -24.86
N HIS B 115 -1.10 9.49 -25.39
CA HIS B 115 -2.52 9.57 -25.67
C HIS B 115 -3.36 9.29 -24.44
N CYS B 116 -2.88 8.40 -23.58
CA CYS B 116 -3.58 8.06 -22.35
CA CYS B 116 -3.57 8.12 -22.34
C CYS B 116 -2.60 7.69 -21.25
N CYS B 117 -2.94 8.07 -20.02
CA CYS B 117 -2.12 7.75 -18.87
CA CYS B 117 -2.11 7.73 -18.87
C CYS B 117 -2.90 6.90 -17.87
N LEU B 118 -2.43 5.69 -17.61
CA LEU B 118 -3.05 4.84 -16.61
C LEU B 118 -2.45 5.19 -15.25
N TYR B 119 -3.27 5.78 -14.38
CA TYR B 119 -2.79 6.16 -13.06
C TYR B 119 -3.15 5.08 -12.04
N PHE B 120 -2.13 4.48 -11.45
CA PHE B 120 -2.31 3.37 -10.51
C PHE B 120 -2.54 3.86 -9.08
N ILE B 121 -3.68 3.46 -8.54
CA ILE B 121 -4.09 3.80 -7.17
C ILE B 121 -3.92 2.60 -6.24
N PRO B 122 -3.19 2.77 -5.11
CA PRO B 122 -3.08 1.68 -4.15
C PRO B 122 -4.47 1.27 -3.68
N ALA B 123 -4.71 -0.03 -3.56
CA ALA B 123 -6.01 -0.52 -3.12
C ALA B 123 -6.11 -0.46 -1.58
N THR B 124 -6.24 0.76 -1.05
CA THR B 124 -6.25 0.98 0.40
C THR B 124 -7.59 0.69 1.04
N GLY B 125 -8.67 1.00 0.33
CA GLY B 125 -9.98 0.78 0.87
C GLY B 125 -10.51 2.08 1.44
N HIS B 126 -9.65 3.10 1.50
CA HIS B 126 -10.10 4.37 2.02
C HIS B 126 -10.40 5.34 0.90
N SER B 127 -9.71 6.48 0.87
CA SER B 127 -9.98 7.48 -0.16
C SER B 127 -8.71 7.89 -0.87
N LEU B 128 -8.83 8.70 -1.91
CA LEU B 128 -7.66 9.17 -2.65
C LEU B 128 -6.71 9.93 -1.74
N ARG B 129 -5.44 9.54 -1.80
CA ARG B 129 -4.40 10.25 -1.08
C ARG B 129 -4.09 11.59 -1.71
N PRO B 130 -3.80 12.60 -0.87
CA PRO B 130 -3.41 13.93 -1.35
C PRO B 130 -2.27 13.86 -2.37
N LEU B 131 -1.35 12.94 -2.14
CA LEU B 131 -0.21 12.74 -3.03
C LEU B 131 -0.68 12.39 -4.45
N ASP B 132 -1.58 11.42 -4.54
CA ASP B 132 -2.11 11.00 -5.84
C ASP B 132 -3.06 12.03 -6.44
N ILE B 133 -3.78 12.74 -5.58
CA ILE B 133 -4.66 13.81 -6.01
C ILE B 133 -3.85 14.89 -6.73
N GLU B 134 -2.76 15.31 -6.09
CA GLU B 134 -1.90 16.35 -6.63
C GLU B 134 -1.33 15.95 -8.00
N PHE B 135 -0.83 14.72 -8.11
CA PHE B 135 -0.22 14.27 -9.35
C PHE B 135 -1.28 14.07 -10.44
N MET B 136 -2.39 13.42 -10.11
CA MET B 136 -3.44 13.19 -11.09
C MET B 136 -4.01 14.49 -11.62
N LYS B 137 -4.12 15.48 -10.73
CA LYS B 137 -4.61 16.80 -11.09
C LYS B 137 -3.70 17.46 -12.11
N ARG B 138 -2.40 17.41 -11.87
CA ARG B 138 -1.42 17.98 -12.79
C ARG B 138 -1.45 17.27 -14.13
N LEU B 139 -1.50 15.94 -14.08
CA LEU B 139 -1.52 15.13 -15.29
C LEU B 139 -2.77 15.37 -16.12
N SER B 140 -3.92 15.41 -15.46
CA SER B 140 -5.20 15.51 -16.15
C SER B 140 -5.31 16.81 -16.96
N LYS B 141 -4.44 17.76 -16.66
CA LYS B 141 -4.44 19.04 -17.37
C LYS B 141 -3.71 18.98 -18.70
N VAL B 142 -2.89 17.96 -18.90
CA VAL B 142 -2.08 17.86 -20.12
C VAL B 142 -2.27 16.53 -20.86
N VAL B 143 -2.93 15.57 -20.22
CA VAL B 143 -3.07 14.25 -20.82
C VAL B 143 -4.35 13.56 -20.34
N ASN B 144 -4.86 12.63 -21.13
CA ASN B 144 -5.98 11.81 -20.71
C ASN B 144 -5.59 10.88 -19.57
N ILE B 145 -6.40 10.86 -18.52
CA ILE B 145 -6.14 10.07 -17.34
C ILE B 145 -7.19 8.99 -17.17
N VAL B 146 -6.75 7.75 -17.04
CA VAL B 146 -7.62 6.65 -16.69
C VAL B 146 -7.11 6.02 -15.40
N PRO B 147 -7.77 6.32 -14.28
CA PRO B 147 -7.39 5.77 -12.98
C PRO B 147 -7.66 4.27 -12.91
N VAL B 148 -6.79 3.58 -12.19
CA VAL B 148 -6.82 2.13 -12.12
C VAL B 148 -6.50 1.70 -10.69
N ILE B 149 -7.18 0.66 -10.21
CA ILE B 149 -6.91 0.10 -8.90
C ILE B 149 -5.80 -0.92 -9.00
N ALA B 150 -4.65 -0.60 -8.42
CA ALA B 150 -3.51 -1.49 -8.46
C ALA B 150 -3.78 -2.75 -7.66
N LYS B 151 -3.29 -3.89 -8.17
CA LYS B 151 -3.40 -5.18 -7.50
C LYS B 151 -4.82 -5.41 -6.99
N ALA B 152 -5.81 -5.24 -7.86
CA ALA B 152 -7.20 -5.23 -7.44
C ALA B 152 -7.68 -6.57 -6.86
N ASP B 153 -6.89 -7.62 -7.07
CA ASP B 153 -7.20 -8.93 -6.50
C ASP B 153 -7.15 -8.92 -4.98
N THR B 154 -6.53 -7.89 -4.41
CA THR B 154 -6.45 -7.72 -2.96
C THR B 154 -7.81 -7.34 -2.35
N LEU B 155 -8.74 -6.91 -3.19
CA LEU B 155 -10.05 -6.48 -2.70
C LEU B 155 -11.11 -7.54 -2.93
N THR B 156 -11.98 -7.72 -1.93
CA THR B 156 -13.20 -8.49 -2.12
C THR B 156 -14.15 -7.70 -3.02
N LEU B 157 -15.24 -8.34 -3.42
CA LEU B 157 -16.23 -7.68 -4.27
C LEU B 157 -16.83 -6.47 -3.55
N GLU B 158 -17.22 -6.64 -2.29
CA GLU B 158 -17.80 -5.55 -1.51
C GLU B 158 -16.80 -4.42 -1.31
N GLU B 159 -15.55 -4.77 -1.01
CA GLU B 159 -14.51 -3.76 -0.88
C GLU B 159 -14.29 -2.99 -2.19
N ARG B 160 -14.31 -3.71 -3.32
CA ARG B 160 -14.12 -3.09 -4.62
C ARG B 160 -15.22 -2.07 -4.92
N VAL B 161 -16.47 -2.48 -4.69
CA VAL B 161 -17.61 -1.59 -4.92
C VAL B 161 -17.51 -0.31 -4.10
N HIS B 162 -17.25 -0.46 -2.80
CA HIS B 162 -17.11 0.65 -1.90
C HIS B 162 -15.91 1.53 -2.26
N PHE B 163 -14.78 0.92 -2.54
CA PHE B 163 -13.58 1.68 -2.89
C PHE B 163 -13.81 2.52 -4.16
N LYS B 164 -14.46 1.94 -5.17
CA LYS B 164 -14.77 2.65 -6.41
C LYS B 164 -15.66 3.86 -6.17
N GLN B 165 -16.62 3.70 -5.28
CA GLN B 165 -17.51 4.79 -4.91
C GLN B 165 -16.74 5.93 -4.25
N ARG B 166 -15.81 5.59 -3.39
CA ARG B 166 -15.00 6.55 -2.72
C ARG B 166 -14.11 7.29 -3.70
N ILE B 167 -13.42 6.56 -4.55
CA ILE B 167 -12.50 7.11 -5.53
C ILE B 167 -13.26 8.00 -6.51
N THR B 168 -14.44 7.54 -6.93
CA THR B 168 -15.27 8.34 -7.82
C THR B 168 -15.65 9.67 -7.17
N ALA B 169 -16.06 9.62 -5.91
CA ALA B 169 -16.40 10.84 -5.16
C ALA B 169 -15.20 11.79 -5.05
N ASP B 170 -14.03 11.21 -4.80
CA ASP B 170 -12.79 11.99 -4.66
C ASP B 170 -12.36 12.63 -5.97
N LEU B 171 -12.49 11.88 -7.06
CA LEU B 171 -12.18 12.40 -8.37
C LEU B 171 -13.05 13.61 -8.65
N LEU B 172 -14.33 13.49 -8.32
CA LEU B 172 -15.27 14.56 -8.58
C LEU B 172 -14.99 15.79 -7.72
N SER B 173 -14.79 15.58 -6.43
CA SER B 173 -14.64 16.70 -5.50
C SER B 173 -13.31 17.42 -5.66
N ASN B 174 -12.34 16.72 -6.24
CA ASN B 174 -11.04 17.34 -6.45
C ASN B 174 -10.89 17.90 -7.86
N GLY B 175 -11.99 17.91 -8.62
CA GLY B 175 -11.98 18.45 -9.96
C GLY B 175 -11.02 17.75 -10.89
N ILE B 176 -10.87 16.44 -10.74
CA ILE B 176 -9.99 15.68 -11.62
C ILE B 176 -10.80 15.09 -12.78
N ASP B 177 -10.64 15.66 -13.97
CA ASP B 177 -11.32 15.14 -15.14
C ASP B 177 -10.59 13.92 -15.66
N VAL B 178 -11.32 12.82 -15.77
CA VAL B 178 -10.75 11.58 -16.28
C VAL B 178 -11.40 11.25 -17.62
N TYR B 179 -10.67 10.52 -18.47
CA TYR B 179 -11.26 10.11 -19.74
C TYR B 179 -12.33 9.05 -19.50
N PRO B 180 -13.47 9.16 -20.19
CA PRO B 180 -13.86 10.25 -21.12
C PRO B 180 -14.48 11.43 -20.37
N GLN B 181 -13.97 12.63 -20.63
CA GLN B 181 -14.43 13.83 -19.96
C GLN B 181 -15.87 14.19 -20.36
N LYS B 182 -16.69 14.54 -19.37
CA LYS B 182 -18.12 14.78 -19.58
C LYS B 182 -18.40 15.91 -20.58
N GLU B 183 -17.53 16.91 -20.60
CA GLU B 183 -17.73 18.06 -21.48
C GLU B 183 -17.49 17.73 -22.95
N PHE B 184 -16.86 16.60 -23.23
CA PHE B 184 -16.51 16.22 -24.60
C PHE B 184 -17.48 15.17 -25.17
N ASP B 185 -18.59 14.96 -24.48
CA ASP B 185 -19.64 14.08 -25.01
C ASP B 185 -20.37 14.76 -26.16
N GLU B 186 -20.38 14.13 -27.33
CA GLU B 186 -20.92 14.77 -28.53
C GLU B 186 -22.44 14.64 -28.64
N ASP B 187 -22.99 13.51 -28.22
CA ASP B 187 -24.44 13.34 -28.23
C ASP B 187 -24.90 12.36 -27.14
N SER B 188 -26.20 12.08 -27.11
CA SER B 188 -26.79 11.19 -26.13
C SER B 188 -26.26 9.77 -26.28
N GLU B 189 -26.13 9.31 -27.52
CA GLU B 189 -25.60 7.99 -27.82
C GLU B 189 -24.14 7.90 -27.36
N ASP B 190 -23.37 8.94 -27.66
CA ASP B 190 -21.98 9.03 -27.24
C ASP B 190 -21.91 9.00 -25.72
N ARG B 191 -22.80 9.76 -25.08
CA ARG B 191 -22.88 9.85 -23.63
C ARG B 191 -23.12 8.48 -22.99
N LEU B 192 -24.06 7.73 -23.56
CA LEU B 192 -24.42 6.42 -23.05
C LEU B 192 -23.25 5.45 -23.12
N VAL B 193 -22.50 5.51 -24.22
CA VAL B 193 -21.31 4.68 -24.37
C VAL B 193 -20.26 5.09 -23.36
N ASN B 194 -20.04 6.40 -23.25
CA ASN B 194 -19.02 6.93 -22.37
C ASN B 194 -19.37 6.72 -20.89
N GLU B 195 -20.67 6.63 -20.60
CA GLU B 195 -21.12 6.34 -19.25
C GLU B 195 -20.65 4.97 -18.80
N LYS B 196 -20.69 4.01 -19.71
CA LYS B 196 -20.22 2.66 -19.42
C LYS B 196 -18.75 2.67 -19.02
N PHE B 197 -17.96 3.50 -19.72
CA PHE B 197 -16.54 3.68 -19.38
C PHE B 197 -16.40 4.33 -18.01
N ARG B 198 -17.11 5.41 -17.79
CA ARG B 198 -17.01 6.20 -16.56
C ARG B 198 -17.44 5.42 -15.32
N GLU B 199 -18.46 4.58 -15.48
CA GLU B 199 -18.97 3.79 -14.37
C GLU B 199 -17.97 2.74 -13.87
N MET B 200 -17.00 2.40 -14.71
CA MET B 200 -16.02 1.36 -14.39
C MET B 200 -14.77 1.94 -13.73
N ILE B 201 -14.57 3.24 -13.90
CA ILE B 201 -13.43 3.93 -13.29
C ILE B 201 -13.61 4.03 -11.78
N PRO B 202 -12.57 3.70 -10.99
CA PRO B 202 -11.24 3.20 -11.41
C PRO B 202 -11.29 1.70 -11.72
N PHE B 203 -10.66 1.29 -12.82
CA PHE B 203 -10.68 -0.10 -13.25
C PHE B 203 -9.96 -1.02 -12.27
N ALA B 204 -10.61 -2.13 -11.92
CA ALA B 204 -9.99 -3.15 -11.08
C ALA B 204 -9.12 -4.07 -11.92
N VAL B 205 -7.81 -3.82 -11.96
CA VAL B 205 -6.95 -4.63 -12.80
C VAL B 205 -6.08 -5.59 -11.99
N VAL B 206 -5.74 -6.70 -12.63
CA VAL B 206 -4.80 -7.67 -12.08
C VAL B 206 -3.75 -7.95 -13.14
N GLY B 207 -2.48 -7.88 -12.76
CA GLY B 207 -1.40 -8.11 -13.69
C GLY B 207 -0.79 -9.50 -13.64
N SER B 208 -0.33 -9.98 -14.79
CA SER B 208 0.35 -11.27 -14.87
C SER B 208 1.01 -11.47 -16.22
N ASP B 209 2.20 -12.05 -16.20
CA ASP B 209 2.89 -12.39 -17.43
C ASP B 209 3.14 -13.89 -17.55
N HIS B 210 2.67 -14.64 -16.55
CA HIS B 210 2.77 -16.09 -16.59
C HIS B 210 1.49 -16.68 -17.19
N GLU B 211 1.61 -17.83 -17.83
CA GLU B 211 0.47 -18.46 -18.49
C GLU B 211 0.26 -19.90 -18.04
N TYR B 212 -1.00 -20.34 -18.11
CA TYR B 212 -1.38 -21.69 -17.70
C TYR B 212 -2.50 -22.24 -18.58
N ILE B 219 -3.94 -19.18 -21.26
CA ILE B 219 -4.56 -18.08 -20.52
C ILE B 219 -3.56 -17.38 -19.60
N LEU B 220 -3.54 -16.05 -19.65
CA LEU B 220 -2.72 -15.27 -18.74
C LEU B 220 -3.39 -15.20 -17.37
N GLY B 221 -2.67 -15.70 -16.36
CA GLY B 221 -3.22 -15.80 -15.02
C GLY B 221 -2.23 -15.45 -13.94
N ARG B 222 -2.73 -15.11 -12.76
CA ARG B 222 -1.86 -14.95 -11.61
C ARG B 222 -2.13 -16.09 -10.63
N LYS B 223 -1.09 -16.87 -10.35
CA LYS B 223 -1.21 -18.02 -9.45
C LYS B 223 -1.24 -17.59 -7.98
N THR B 224 -2.12 -18.22 -7.22
CA THR B 224 -2.13 -18.04 -5.77
C THR B 224 -2.37 -19.40 -5.12
N LYS B 225 -2.16 -19.48 -3.81
CA LYS B 225 -2.37 -20.73 -3.08
C LYS B 225 -3.84 -21.13 -3.07
N TRP B 226 -4.71 -20.15 -3.24
CA TRP B 226 -6.15 -20.36 -3.15
C TRP B 226 -6.79 -20.51 -4.52
N GLY B 227 -6.04 -20.19 -5.57
CA GLY B 227 -6.47 -20.45 -6.93
C GLY B 227 -5.77 -19.58 -7.97
N THR B 228 -6.09 -19.80 -9.24
CA THR B 228 -5.50 -19.02 -10.31
C THR B 228 -6.45 -17.90 -10.77
N ILE B 229 -5.98 -16.67 -10.69
CA ILE B 229 -6.75 -15.54 -11.17
C ILE B 229 -6.59 -15.39 -12.68
N GLU B 230 -7.68 -15.52 -13.42
CA GLU B 230 -7.66 -15.35 -14.86
C GLU B 230 -7.81 -13.88 -15.23
N VAL B 231 -6.69 -13.26 -15.59
CA VAL B 231 -6.58 -11.82 -15.79
C VAL B 231 -7.47 -11.31 -16.92
N GLU B 232 -7.71 -12.15 -17.92
CA GLU B 232 -8.53 -11.75 -19.05
C GLU B 232 -9.98 -12.22 -18.90
N ASN B 233 -10.30 -12.76 -17.72
CA ASN B 233 -11.66 -13.17 -17.40
C ASN B 233 -12.41 -12.02 -16.72
N THR B 234 -13.48 -11.57 -17.33
CA THR B 234 -14.23 -10.40 -16.85
C THR B 234 -14.91 -10.65 -15.50
N THR B 235 -15.05 -11.92 -15.12
CA THR B 235 -15.61 -12.26 -13.83
C THR B 235 -14.55 -12.28 -12.74
N HIS B 236 -13.28 -12.23 -13.16
CA HIS B 236 -12.17 -12.22 -12.21
C HIS B 236 -11.69 -10.79 -11.95
N CYS B 237 -11.50 -10.03 -13.01
CA CYS B 237 -11.19 -8.61 -12.85
C CYS B 237 -11.63 -7.83 -14.09
N GLU B 238 -11.23 -6.57 -14.16
CA GLU B 238 -11.74 -5.70 -15.21
C GLU B 238 -10.67 -5.32 -16.23
N PHE B 239 -9.56 -6.04 -16.23
CA PHE B 239 -8.49 -5.78 -17.20
C PHE B 239 -8.95 -5.95 -18.65
N ALA B 240 -9.77 -6.98 -18.91
CA ALA B 240 -10.23 -7.23 -20.27
C ALA B 240 -11.06 -6.05 -20.81
N TYR B 241 -11.85 -5.43 -19.94
CA TYR B 241 -12.61 -4.26 -20.34
C TYR B 241 -11.69 -3.10 -20.64
N LEU B 242 -10.69 -2.92 -19.78
CA LEU B 242 -9.73 -1.83 -19.96
C LEU B 242 -8.94 -2.00 -21.24
N ARG B 243 -8.43 -3.20 -21.46
CA ARG B 243 -7.69 -3.49 -22.69
C ARG B 243 -8.51 -3.18 -23.93
N ASP B 244 -9.74 -3.67 -23.98
CA ASP B 244 -10.55 -3.48 -25.19
C ASP B 244 -11.09 -2.06 -25.32
N LEU B 245 -11.32 -1.38 -24.22
CA LEU B 245 -11.77 0.01 -24.30
C LEU B 245 -10.67 0.93 -24.81
N LEU B 246 -9.43 0.68 -24.42
CA LEU B 246 -8.33 1.58 -24.77
C LEU B 246 -7.76 1.33 -26.16
N ILE B 247 -7.82 0.10 -26.63
CA ILE B 247 -7.21 -0.20 -27.93
C ILE B 247 -8.22 -0.36 -29.07
N ARG B 248 -9.50 -0.55 -28.74
CA ARG B 248 -10.47 -0.77 -29.79
C ARG B 248 -11.58 0.27 -29.83
N THR B 249 -12.44 0.30 -28.82
CA THR B 249 -13.64 1.15 -28.89
C THR B 249 -13.34 2.64 -28.76
N HIS B 250 -12.56 3.00 -27.75
CA HIS B 250 -12.23 4.40 -27.46
C HIS B 250 -10.90 4.90 -28.06
N MET B 251 -10.10 3.98 -28.57
CA MET B 251 -8.75 4.30 -29.05
C MET B 251 -8.68 5.54 -29.95
N GLN B 252 -9.54 5.65 -30.96
CA GLN B 252 -9.49 6.82 -31.82
C GLN B 252 -9.87 8.10 -31.08
N ASN B 253 -10.93 8.01 -30.27
CA ASN B 253 -11.43 9.16 -29.54
C ASN B 253 -10.42 9.70 -28.52
N ILE B 254 -9.63 8.80 -27.97
CA ILE B 254 -8.56 9.15 -27.05
C ILE B 254 -7.48 9.96 -27.77
N LYS B 255 -7.07 9.47 -28.94
CA LYS B 255 -6.15 10.21 -29.80
C LYS B 255 -6.73 11.56 -30.20
N ASP B 256 -8.03 11.57 -30.51
CA ASP B 256 -8.69 12.80 -30.95
C ASP B 256 -8.68 13.86 -29.86
N ILE B 257 -8.92 13.46 -28.61
CA ILE B 257 -8.87 14.41 -27.51
C ILE B 257 -7.45 14.88 -27.28
N THR B 258 -6.50 13.96 -27.41
CA THR B 258 -5.09 14.30 -27.24
C THR B 258 -4.67 15.35 -28.28
N SER B 259 -5.09 15.12 -29.52
CA SER B 259 -4.71 16.03 -30.60
C SER B 259 -5.46 17.36 -30.52
N SER B 260 -6.78 17.30 -30.35
CA SER B 260 -7.60 18.50 -30.46
C SER B 260 -7.69 19.32 -29.17
N ILE B 261 -7.48 18.68 -28.02
CA ILE B 261 -7.57 19.39 -26.75
C ILE B 261 -6.21 19.60 -26.11
N HIS B 262 -5.53 18.50 -25.78
CA HIS B 262 -4.29 18.59 -25.04
C HIS B 262 -3.15 19.18 -25.88
N PHE B 263 -2.94 18.68 -27.09
CA PHE B 263 -1.88 19.23 -27.92
C PHE B 263 -2.17 20.67 -28.35
N GLU B 264 -3.43 20.95 -28.67
CA GLU B 264 -3.79 22.31 -29.08
C GLU B 264 -3.58 23.30 -27.93
N ALA B 265 -3.89 22.89 -26.71
CA ALA B 265 -3.64 23.74 -25.55
C ALA B 265 -2.16 24.04 -25.43
N TYR B 266 -1.35 23.00 -25.61
CA TYR B 266 0.10 23.17 -25.56
C TYR B 266 0.56 24.10 -26.68
N ARG B 267 0.00 23.91 -27.86
CA ARG B 267 0.37 24.70 -29.02
C ARG B 267 0.06 26.18 -28.82
N VAL B 268 -1.16 26.46 -28.36
CA VAL B 268 -1.57 27.84 -28.11
C VAL B 268 -0.67 28.51 -27.08
N LYS B 269 -0.33 27.78 -26.01
CA LYS B 269 0.59 28.29 -24.99
C LYS B 269 1.93 28.68 -25.60
N ARG B 270 2.47 27.79 -26.42
CA ARG B 270 3.79 28.00 -27.02
C ARG B 270 3.81 29.12 -28.05
N LEU B 271 2.66 29.45 -28.60
CA LEU B 271 2.58 30.50 -29.59
C LEU B 271 2.44 31.86 -28.93
N ASN B 272 1.70 31.91 -27.83
CA ASN B 272 1.52 33.15 -27.11
C ASN B 272 2.77 33.63 -26.39
N GLU B 273 3.75 32.74 -26.22
CA GLU B 273 5.03 33.14 -25.63
C GLU B 273 6.07 33.42 -26.71
N GLY B 274 5.77 34.41 -27.56
CA GLY B 274 6.67 34.78 -28.64
C GLY B 274 5.99 35.66 -29.66
PB GDP C . -5.83 0.69 8.13
O1B GDP C . -6.15 2.02 7.50
O2B GDP C . -6.28 0.66 9.58
O3B GDP C . -4.34 0.45 8.12
O3A GDP C . -6.53 -0.50 7.33
PA GDP C . -8.02 -1.03 7.66
O1A GDP C . -8.99 0.10 7.86
O2A GDP C . -7.98 -1.96 8.84
O5' GDP C . -8.38 -1.87 6.34
C5' GDP C . -8.39 -1.24 5.05
C4' GDP C . -8.98 -2.20 4.03
O4' GDP C . -8.11 -3.32 3.90
C3' GDP C . -10.32 -2.74 4.51
O3' GDP C . -11.21 -2.79 3.39
C2' GDP C . -10.02 -4.15 4.96
O2' GDP C . -11.13 -5.03 4.80
C1' GDP C . -8.86 -4.53 4.08
N9 GDP C . -7.95 -5.50 4.74
C8 GDP C . -7.65 -5.57 6.05
N7 GDP C . -6.75 -6.57 6.26
C5 GDP C . -6.46 -7.12 5.06
C6 GDP C . -5.60 -8.20 4.55
O6 GDP C . -4.88 -8.85 5.34
N1 GDP C . -5.59 -8.45 3.23
C2 GDP C . -6.34 -7.75 2.36
N2 GDP C . -6.30 -8.05 1.05
N3 GDP C . -7.16 -6.74 2.76
C4 GDP C . -7.25 -6.40 4.06
MG MG D . -7.03 2.14 10.76
PB GDP E . 5.75 -1.58 -10.24
O1B GDP E . 6.16 -1.55 -11.69
O2B GDP E . 4.61 -0.61 -10.01
O3B GDP E . 6.91 -1.20 -9.36
O3A GDP E . 5.22 -3.05 -9.87
PA GDP E . 5.88 -4.39 -10.46
O1A GDP E . 5.32 -4.68 -11.85
O2A GDP E . 7.38 -4.30 -10.48
O5' GDP E . 5.32 -5.49 -9.45
C5' GDP E . 5.68 -5.45 -8.07
C4' GDP E . 5.17 -6.72 -7.41
O4' GDP E . 3.74 -6.77 -7.51
C3' GDP E . 5.70 -7.95 -8.14
O3' GDP E . 6.15 -8.89 -7.17
C2' GDP E . 4.49 -8.50 -8.87
O2' GDP E . 4.53 -9.92 -8.98
C1' GDP E . 3.34 -8.04 -8.00
N9 GDP E . 2.11 -7.84 -8.80
C8 GDP E . 2.03 -7.37 -10.05
N7 GDP E . 0.74 -7.30 -10.44
C5 GDP E . -0.02 -7.73 -9.42
C6 GDP E . -1.46 -7.91 -9.15
O6 GDP E . -2.30 -7.64 -10.03
N1 GDP E . -1.83 -8.39 -7.96
C2 GDP E . -0.95 -8.70 -6.99
N2 GDP E . -1.41 -9.16 -5.81
N3 GDP E . 0.39 -8.55 -7.17
C4 GDP E . 0.89 -8.09 -8.33
MG MG F . 7.91 -0.94 -12.58
#